data_9EVN
#
_entry.id   9EVN
#
_cell.length_a   38.276
_cell.length_b   94.216
_cell.length_c   96.202
_cell.angle_alpha   90.00
_cell.angle_beta   90.00
_cell.angle_gamma   90.00
#
_symmetry.space_group_name_H-M   'P 21 21 21'
#
loop_
_entity.id
_entity.type
_entity.pdbx_description
1 polymer 'Apical membrane antigen 1'
2 non-polymer 'CHLORIDE ION'
3 water water
#
_entity_poly.entity_id   1
_entity_poly.type   'polypeptide(L)'
_entity_poly.pdbx_seq_one_letter_code
;EAEFMGNPWTEYMAKYDIEEVHGSGIRVDLGEDAEVAGTQYRLPSGKCPVFGKGIIIENSKTTFLKPVATGNQDLKDGGF
AFPPTNPLISPMTLNGMRDFYKNNEYVKNLDELTLCSRHAGNMNPDNDKNSNYKYPAVYDYNDKKCHILYIAAQENNGPR
YCNKDQSKRNSMFCFRPAKDKLFENYVYLSKNVVDNWEEVCPRKNLENAKFGLWVDGNCEDIPHVNEFSANDLFECNKLV
FELSASDQPKQYEQHLTDYEKIKEGFKNKNADMIKSAFLPTGAFKADRYKSHGKGYNWGNYNRETQKCEIFNVKPTCLIN
DKSYIATTALSHPIEVEHNFPVDHHHHHH
;
_entity_poly.pdbx_strand_id   A
#
# COMPACT_ATOMS: atom_id res chain seq x y z
N GLU A 1 -19.94 -33.87 4.96
CA GLU A 1 -20.67 -32.73 4.34
C GLU A 1 -20.34 -31.38 4.99
N ALA A 2 -20.08 -31.36 6.33
CA ALA A 2 -19.84 -30.14 7.11
C ALA A 2 -18.40 -30.05 7.64
N GLU A 3 -17.40 -30.27 6.77
CA GLU A 3 -15.99 -30.30 7.17
C GLU A 3 -15.46 -28.95 7.69
N PHE A 4 -16.05 -27.81 7.27
CA PHE A 4 -15.60 -26.47 7.65
C PHE A 4 -16.42 -25.82 8.78
N MET A 5 -17.38 -26.55 9.44
CA MET A 5 -18.16 -25.98 10.55
C MET A 5 -17.28 -25.92 11.80
N GLY A 6 -17.78 -25.20 12.81
CA GLY A 6 -17.23 -25.23 14.16
C GLY A 6 -15.82 -24.66 14.28
N ASN A 7 -15.46 -23.68 13.42
CA ASN A 7 -14.14 -23.09 13.43
C ASN A 7 -14.10 -22.08 14.58
N PRO A 8 -13.26 -22.26 15.65
CA PRO A 8 -13.11 -21.22 16.66
C PRO A 8 -12.39 -19.92 16.23
N TRP A 9 -11.72 -19.92 15.05
CA TRP A 9 -10.92 -18.82 14.56
C TRP A 9 -11.66 -17.85 13.60
N THR A 10 -12.98 -18.01 13.35
CA THR A 10 -13.68 -17.33 12.26
C THR A 10 -13.60 -15.80 12.34
N GLU A 11 -14.00 -15.23 13.49
CA GLU A 11 -13.98 -13.78 13.70
CA GLU A 11 -13.98 -13.78 13.70
C GLU A 11 -12.54 -13.29 13.80
N TYR A 12 -11.65 -14.06 14.47
CA TYR A 12 -10.24 -13.71 14.61
C TYR A 12 -9.56 -13.57 13.23
N MET A 13 -9.88 -14.45 12.28
CA MET A 13 -9.17 -14.55 11.00
C MET A 13 -9.78 -13.68 9.88
N ALA A 14 -10.89 -12.94 10.14
CA ALA A 14 -11.52 -12.10 9.12
C ALA A 14 -10.56 -11.05 8.53
N LYS A 15 -9.65 -10.49 9.36
CA LYS A 15 -8.69 -9.49 8.90
C LYS A 15 -7.62 -10.03 7.94
N TYR A 16 -7.41 -11.36 7.87
CA TYR A 16 -6.46 -11.98 6.95
C TYR A 16 -7.11 -12.42 5.63
N ASP A 17 -8.44 -12.24 5.46
CA ASP A 17 -9.10 -12.41 4.16
C ASP A 17 -8.91 -11.10 3.38
N ILE A 18 -7.69 -10.93 2.84
CA ILE A 18 -7.22 -9.69 2.21
C ILE A 18 -8.04 -9.35 0.96
N GLU A 19 -8.50 -10.36 0.22
CA GLU A 19 -9.38 -10.17 -0.93
C GLU A 19 -10.70 -9.49 -0.51
N GLU A 20 -11.25 -9.85 0.67
CA GLU A 20 -12.46 -9.23 1.22
C GLU A 20 -12.14 -7.86 1.85
N VAL A 21 -11.18 -7.80 2.79
CA VAL A 21 -11.02 -6.61 3.64
C VAL A 21 -10.28 -5.47 2.93
N HIS A 22 -9.30 -5.77 2.04
CA HIS A 22 -8.52 -4.77 1.31
C HIS A 22 -9.13 -4.56 -0.08
N GLY A 23 -9.22 -5.64 -0.88
CA GLY A 23 -9.95 -5.65 -2.14
C GLY A 23 -9.26 -4.97 -3.32
N SER A 24 -7.93 -4.79 -3.27
CA SER A 24 -7.20 -4.15 -4.36
C SER A 24 -5.74 -4.59 -4.29
N GLY A 25 -4.88 -4.08 -5.18
CA GLY A 25 -3.47 -4.40 -5.14
C GLY A 25 -2.78 -3.82 -3.91
N ILE A 26 -1.64 -4.45 -3.52
CA ILE A 26 -0.89 -4.08 -2.33
C ILE A 26 0.43 -3.46 -2.80
N ARG A 27 1.24 -4.25 -3.54
CA ARG A 27 2.49 -3.78 -4.12
C ARG A 27 2.23 -2.55 -4.99
N VAL A 28 1.29 -2.68 -5.94
CA VAL A 28 0.80 -1.59 -6.75
C VAL A 28 -0.72 -1.60 -6.62
N ASP A 29 -1.29 -0.52 -6.02
CA ASP A 29 -2.72 -0.30 -5.85
C ASP A 29 -3.21 0.70 -6.91
N LEU A 30 -4.01 0.20 -7.88
CA LEU A 30 -4.64 1.00 -8.93
C LEU A 30 -6.00 0.35 -9.24
N GLY A 31 -6.81 0.16 -8.19
CA GLY A 31 -8.03 -0.65 -8.30
C GLY A 31 -9.30 0.09 -8.75
N GLU A 32 -9.26 1.44 -8.94
CA GLU A 32 -10.42 2.22 -9.39
C GLU A 32 -10.00 3.18 -10.51
N ASP A 33 -11.01 3.61 -11.29
CA ASP A 33 -10.89 4.65 -12.32
C ASP A 33 -11.55 5.91 -11.77
N ALA A 34 -11.21 7.08 -12.35
CA ALA A 34 -11.81 8.35 -11.94
C ALA A 34 -11.65 9.38 -13.06
N GLU A 35 -12.75 10.10 -13.37
CA GLU A 35 -12.80 11.05 -14.46
C GLU A 35 -12.25 12.40 -13.97
N VAL A 36 -11.32 13.01 -14.75
CA VAL A 36 -10.82 14.36 -14.53
C VAL A 36 -10.74 15.05 -15.90
N ALA A 37 -11.62 16.06 -16.11
CA ALA A 37 -11.77 16.79 -17.38
C ALA A 37 -12.13 15.86 -18.54
N GLY A 38 -13.11 14.96 -18.30
CA GLY A 38 -13.55 13.96 -19.27
C GLY A 38 -12.47 12.97 -19.69
N THR A 39 -11.60 12.54 -18.74
CA THR A 39 -10.48 11.63 -18.99
C THR A 39 -10.32 10.71 -17.78
N GLN A 40 -10.33 9.38 -18.01
CA GLN A 40 -10.20 8.39 -16.95
C GLN A 40 -8.72 8.26 -16.54
N TYR A 41 -8.45 8.33 -15.22
CA TYR A 41 -7.14 8.02 -14.64
C TYR A 41 -7.33 6.95 -13.56
N ARG A 42 -6.34 6.05 -13.43
CA ARG A 42 -6.34 5.01 -12.42
C ARG A 42 -5.83 5.61 -11.11
N LEU A 43 -6.32 5.09 -9.96
CA LEU A 43 -5.85 5.56 -8.67
C LEU A 43 -5.99 4.47 -7.60
N PRO A 44 -5.25 4.55 -6.46
CA PRO A 44 -5.41 3.60 -5.35
C PRO A 44 -6.81 3.59 -4.73
N SER A 45 -7.30 2.38 -4.39
CA SER A 45 -8.62 2.17 -3.82
C SER A 45 -8.66 1.07 -2.74
N GLY A 46 -7.50 0.63 -2.21
CA GLY A 46 -7.47 -0.43 -1.22
C GLY A 46 -7.98 0.06 0.14
N LYS A 47 -8.73 -0.80 0.84
CA LYS A 47 -9.42 -0.42 2.08
C LYS A 47 -8.54 -0.52 3.35
N CYS A 48 -7.33 -1.11 3.27
CA CYS A 48 -6.45 -1.29 4.42
C CYS A 48 -5.20 -0.42 4.26
N PRO A 49 -4.57 0.07 5.36
CA PRO A 49 -3.28 0.75 5.29
C PRO A 49 -2.17 -0.26 4.96
N VAL A 50 -1.15 0.15 4.18
CA VAL A 50 0.01 -0.68 3.85
C VAL A 50 1.18 -0.17 4.68
N PHE A 51 1.48 -0.86 5.80
CA PHE A 51 2.53 -0.48 6.74
C PHE A 51 3.91 -0.79 6.15
N GLY A 52 4.80 0.23 6.16
CA GLY A 52 6.18 0.08 5.69
C GLY A 52 6.41 0.33 4.20
N LYS A 53 5.36 0.62 3.40
CA LYS A 53 5.50 0.82 1.95
C LYS A 53 6.00 2.25 1.68
N GLY A 54 7.05 2.36 0.83
CA GLY A 54 7.45 3.60 0.18
C GLY A 54 7.79 3.33 -1.29
N ILE A 55 8.13 4.40 -2.02
CA ILE A 55 8.54 4.35 -3.42
C ILE A 55 10.01 4.76 -3.49
N ILE A 56 10.87 3.87 -4.03
CA ILE A 56 12.28 4.15 -4.30
C ILE A 56 12.34 4.79 -5.69
N ILE A 57 12.95 6.00 -5.81
CA ILE A 57 13.04 6.73 -7.07
C ILE A 57 14.52 6.86 -7.45
N GLU A 58 14.92 6.33 -8.63
CA GLU A 58 16.28 6.45 -9.19
C GLU A 58 17.34 6.01 -8.17
N ASN A 59 17.09 4.85 -7.52
CA ASN A 59 17.97 4.24 -6.51
C ASN A 59 18.03 5.05 -5.19
N SER A 60 17.10 6.02 -4.95
CA SER A 60 17.11 6.90 -3.76
C SER A 60 15.92 6.55 -2.86
N LYS A 61 16.19 6.39 -1.55
CA LYS A 61 15.20 6.00 -0.55
C LYS A 61 14.80 7.19 0.35
N THR A 62 15.22 8.44 0.02
CA THR A 62 14.96 9.64 0.84
C THR A 62 14.18 10.71 0.05
N THR A 63 13.62 10.35 -1.13
CA THR A 63 13.20 11.29 -2.15
C THR A 63 11.67 11.44 -2.25
N PHE A 64 10.88 10.35 -2.15
CA PHE A 64 9.52 10.36 -2.72
C PHE A 64 8.54 11.24 -1.92
N LEU A 65 8.78 11.50 -0.62
CA LEU A 65 7.98 12.47 0.14
C LEU A 65 8.41 13.94 -0.09
N LYS A 66 9.49 14.21 -0.86
CA LYS A 66 9.79 15.58 -1.28
C LYS A 66 8.70 16.05 -2.25
N PRO A 67 8.34 17.37 -2.29
CA PRO A 67 7.43 17.89 -3.31
C PRO A 67 7.82 17.62 -4.77
N VAL A 68 6.79 17.48 -5.65
CA VAL A 68 7.01 17.36 -7.11
C VAL A 68 7.69 18.63 -7.64
N ALA A 69 8.42 18.48 -8.75
CA ALA A 69 9.06 19.60 -9.44
C ALA A 69 7.98 20.46 -10.11
N THR A 70 8.22 21.78 -10.19
CA THR A 70 7.30 22.74 -10.80
C THR A 70 8.10 23.82 -11.55
N GLY A 71 7.97 23.84 -12.88
CA GLY A 71 8.49 24.92 -13.71
C GLY A 71 10.01 24.83 -13.90
N ASN A 72 10.75 25.67 -13.16
CA ASN A 72 12.20 25.80 -13.30
C ASN A 72 12.96 24.57 -12.76
N GLN A 73 12.37 23.82 -11.81
CA GLN A 73 13.02 22.65 -11.22
C GLN A 73 13.01 21.47 -12.22
N ASP A 74 14.06 20.64 -12.16
CA ASP A 74 14.15 19.41 -12.96
C ASP A 74 13.24 18.36 -12.31
N LEU A 75 12.66 17.49 -13.17
CA LEU A 75 11.67 16.48 -12.75
C LEU A 75 12.33 15.44 -11.83
N LYS A 76 13.55 14.99 -12.19
CA LYS A 76 14.33 14.03 -11.41
C LYS A 76 14.70 14.53 -10.00
N ASP A 77 14.81 15.85 -9.78
CA ASP A 77 15.15 16.41 -8.47
C ASP A 77 14.03 16.18 -7.44
N GLY A 78 12.76 16.46 -7.82
CA GLY A 78 11.63 16.37 -6.90
C GLY A 78 11.19 14.93 -6.61
N GLY A 79 10.20 14.81 -5.69
CA GLY A 79 9.56 13.55 -5.32
C GLY A 79 8.13 13.47 -5.85
N PHE A 80 7.23 12.81 -5.08
CA PHE A 80 5.84 12.56 -5.46
C PHE A 80 4.82 13.41 -4.68
N ALA A 81 5.27 14.19 -3.66
CA ALA A 81 4.35 14.83 -2.73
C ALA A 81 3.74 16.08 -3.37
N PHE A 82 2.63 16.55 -2.76
CA PHE A 82 2.01 17.82 -3.13
C PHE A 82 3.03 18.96 -3.08
N PRO A 83 3.07 19.87 -4.09
CA PRO A 83 3.93 21.05 -4.02
C PRO A 83 3.35 22.05 -3.03
N PRO A 84 4.13 23.08 -2.57
CA PRO A 84 3.59 24.12 -1.67
C PRO A 84 2.32 24.78 -2.19
N THR A 85 1.32 24.95 -1.30
CA THR A 85 0.01 25.51 -1.59
C THR A 85 -0.23 26.71 -0.66
N ASN A 86 -1.24 27.53 -1.00
CA ASN A 86 -1.73 28.64 -0.19
C ASN A 86 -3.22 28.42 0.06
N PRO A 87 -3.71 28.01 1.27
CA PRO A 87 -2.87 27.69 2.44
C PRO A 87 -2.06 26.41 2.26
N LEU A 88 -0.98 26.26 3.06
CA LEU A 88 -0.12 25.08 3.01
C LEU A 88 -0.86 23.93 3.72
N ILE A 89 -1.40 22.98 2.93
CA ILE A 89 -2.26 21.90 3.43
C ILE A 89 -1.53 20.55 3.38
N SER A 90 -0.28 20.53 2.86
CA SER A 90 0.54 19.32 2.79
C SER A 90 2.03 19.70 2.84
N PRO A 91 2.89 19.18 3.76
CA PRO A 91 2.50 18.25 4.84
C PRO A 91 1.69 18.94 5.94
N MET A 92 0.96 18.14 6.72
CA MET A 92 0.22 18.63 7.88
C MET A 92 0.35 17.60 9.00
N THR A 93 0.62 18.09 10.23
CA THR A 93 0.77 17.23 11.40
C THR A 93 -0.59 16.71 11.84
N LEU A 94 -0.57 15.68 12.72
CA LEU A 94 -1.79 15.11 13.28
C LEU A 94 -2.62 16.20 13.99
N ASN A 95 -1.96 16.99 14.86
CA ASN A 95 -2.61 18.09 15.59
C ASN A 95 -3.10 19.20 14.64
N GLY A 96 -2.34 19.47 13.58
CA GLY A 96 -2.79 20.37 12.52
C GLY A 96 -4.11 19.93 11.88
N MET A 97 -4.23 18.61 11.59
CA MET A 97 -5.43 18.05 10.97
C MET A 97 -6.62 18.07 11.94
N ARG A 98 -6.40 17.69 13.22
CA ARG A 98 -7.42 17.76 14.26
C ARG A 98 -8.01 19.18 14.40
N ASP A 99 -7.14 20.20 14.37
CA ASP A 99 -7.59 21.59 14.40
C ASP A 99 -8.32 21.98 13.11
N PHE A 100 -7.78 21.59 11.95
CA PHE A 100 -8.36 21.91 10.64
C PHE A 100 -9.79 21.38 10.48
N TYR A 101 -10.09 20.16 10.99
CA TYR A 101 -11.42 19.55 10.93
C TYR A 101 -12.17 19.61 12.27
N LYS A 102 -11.91 20.64 13.12
CA LYS A 102 -12.46 20.68 14.48
C LYS A 102 -13.99 20.88 14.53
N ASN A 103 -14.61 21.42 13.44
CA ASN A 103 -16.07 21.55 13.35
C ASN A 103 -16.74 20.38 12.61
N ASN A 104 -15.99 19.27 12.31
CA ASN A 104 -16.53 18.03 11.78
C ASN A 104 -16.37 16.97 12.89
N GLU A 105 -17.47 16.67 13.62
CA GLU A 105 -17.47 15.76 14.77
C GLU A 105 -17.02 14.33 14.42
N TYR A 106 -17.38 13.85 13.21
CA TYR A 106 -16.89 12.56 12.71
C TYR A 106 -15.37 12.61 12.48
N VAL A 107 -14.92 13.54 11.62
CA VAL A 107 -13.54 13.57 11.12
C VAL A 107 -12.52 13.90 12.24
N LYS A 108 -12.85 14.87 13.12
CA LYS A 108 -11.94 15.31 14.20
C LYS A 108 -11.56 14.19 15.18
N ASN A 109 -12.45 13.21 15.40
CA ASN A 109 -12.22 12.08 16.29
C ASN A 109 -11.70 10.82 15.57
N LEU A 110 -11.36 10.88 14.26
CA LEU A 110 -10.77 9.74 13.57
C LEU A 110 -9.34 9.48 14.08
N ASP A 111 -8.91 8.22 13.95
CA ASP A 111 -7.51 7.85 14.15
C ASP A 111 -6.64 8.53 13.08
N GLU A 112 -5.32 8.56 13.35
CA GLU A 112 -4.33 9.26 12.53
C GLU A 112 -4.33 8.81 11.06
N LEU A 113 -4.49 7.50 10.77
CA LEU A 113 -4.38 6.99 9.40
C LEU A 113 -5.61 7.35 8.58
N THR A 114 -6.83 7.10 9.11
CA THR A 114 -8.07 7.46 8.44
C THR A 114 -8.17 8.98 8.26
N LEU A 115 -7.75 9.76 9.28
CA LEU A 115 -7.73 11.22 9.20
C LEU A 115 -6.83 11.70 8.04
N CYS A 116 -5.66 11.08 7.87
CA CYS A 116 -4.75 11.41 6.77
C CYS A 116 -5.35 11.09 5.41
N SER A 117 -6.02 9.92 5.28
CA SER A 117 -6.70 9.52 4.06
C SER A 117 -7.82 10.50 3.66
N ARG A 118 -8.68 10.87 4.64
CA ARG A 118 -9.79 11.78 4.39
C ARG A 118 -9.29 13.20 4.07
N HIS A 119 -8.23 13.67 4.76
CA HIS A 119 -7.60 14.95 4.46
C HIS A 119 -7.13 15.00 3.00
N ALA A 120 -6.39 13.96 2.57
CA ALA A 120 -5.93 13.84 1.19
C ALA A 120 -7.10 13.78 0.19
N GLY A 121 -8.21 13.13 0.57
CA GLY A 121 -9.41 13.07 -0.25
C GLY A 121 -10.19 14.39 -0.39
N ASN A 122 -10.05 15.32 0.58
CA ASN A 122 -10.72 16.63 0.51
C ASN A 122 -10.00 17.62 -0.42
N MET A 123 -8.65 17.65 -0.39
CA MET A 123 -7.88 18.70 -1.06
C MET A 123 -7.76 18.39 -2.56
N ASN A 124 -8.23 19.33 -3.41
CA ASN A 124 -8.04 19.28 -4.86
C ASN A 124 -7.54 20.67 -5.31
N PRO A 125 -6.20 20.90 -5.52
CA PRO A 125 -5.69 22.22 -5.89
C PRO A 125 -5.96 22.70 -7.33
N ASP A 126 -6.06 21.76 -8.28
CA ASP A 126 -6.40 22.06 -9.68
C ASP A 126 -7.86 22.55 -9.83
N ASN A 127 -8.75 22.18 -8.88
CA ASN A 127 -10.13 22.68 -8.77
C ASN A 127 -11.00 22.09 -9.88
N ASP A 128 -11.08 20.75 -9.90
CA ASP A 128 -12.14 20.00 -10.58
C ASP A 128 -13.12 19.59 -9.48
N LYS A 129 -14.09 20.49 -9.18
CA LYS A 129 -14.97 20.37 -8.03
C LYS A 129 -15.85 19.11 -8.16
N ASN A 130 -16.56 19.01 -9.30
CA ASN A 130 -17.32 17.81 -9.67
C ASN A 130 -16.33 16.76 -10.21
N SER A 131 -15.69 16.00 -9.31
CA SER A 131 -14.78 14.92 -9.66
C SER A 131 -14.62 13.94 -8.49
N ASN A 132 -14.49 12.64 -8.82
CA ASN A 132 -14.29 11.56 -7.86
C ASN A 132 -12.80 11.21 -7.66
N TYR A 133 -11.86 11.92 -8.34
CA TYR A 133 -10.43 11.68 -8.18
C TYR A 133 -9.99 12.25 -6.83
N LYS A 134 -9.44 11.37 -5.96
CA LYS A 134 -8.97 11.70 -4.63
C LYS A 134 -7.56 11.13 -4.47
N TYR A 135 -6.61 11.99 -4.06
CA TYR A 135 -5.19 11.64 -4.03
C TYR A 135 -4.90 10.65 -2.89
N PRO A 136 -3.91 9.72 -3.04
CA PRO A 136 -3.45 8.90 -1.91
C PRO A 136 -2.51 9.73 -1.03
N ALA A 137 -2.09 9.14 0.10
CA ALA A 137 -1.28 9.82 1.09
C ALA A 137 -0.34 8.84 1.76
N VAL A 138 0.69 9.41 2.41
CA VAL A 138 1.61 8.68 3.26
C VAL A 138 1.63 9.38 4.62
N TYR A 139 1.38 8.61 5.69
CA TYR A 139 1.53 9.07 7.07
C TYR A 139 2.90 8.63 7.58
N ASP A 140 3.63 9.55 8.24
CA ASP A 140 4.93 9.29 8.84
C ASP A 140 4.76 9.35 10.37
N TYR A 141 4.88 8.19 11.03
CA TYR A 141 4.79 8.08 12.49
C TYR A 141 5.94 8.77 13.24
N ASN A 142 7.12 8.96 12.59
CA ASN A 142 8.29 9.55 13.23
C ASN A 142 8.02 11.00 13.67
N ASP A 143 7.50 11.83 12.76
CA ASP A 143 7.16 13.24 13.05
C ASP A 143 5.64 13.51 12.96
N LYS A 144 4.80 12.45 12.90
CA LYS A 144 3.34 12.54 12.93
C LYS A 144 2.80 13.45 11.81
N LYS A 145 3.32 13.28 10.58
CA LYS A 145 2.98 14.12 9.44
C LYS A 145 2.25 13.31 8.37
N CYS A 146 1.18 13.91 7.81
CA CYS A 146 0.44 13.42 6.67
C CYS A 146 0.96 14.13 5.42
N HIS A 147 1.49 13.35 4.45
CA HIS A 147 1.94 13.88 3.16
C HIS A 147 0.96 13.43 2.08
N ILE A 148 0.32 14.39 1.37
CA ILE A 148 -0.57 14.07 0.25
C ILE A 148 0.33 13.85 -0.96
N LEU A 149 0.09 12.75 -1.71
CA LEU A 149 0.88 12.42 -2.91
C LEU A 149 0.18 13.00 -4.15
N TYR A 150 0.90 13.84 -4.90
CA TYR A 150 0.41 14.35 -6.17
C TYR A 150 0.46 13.24 -7.24
N ILE A 151 1.53 12.42 -7.25
CA ILE A 151 1.71 11.31 -8.19
C ILE A 151 1.17 10.03 -7.55
N ALA A 152 0.09 9.48 -8.13
CA ALA A 152 -0.53 8.24 -7.69
C ALA A 152 0.12 7.00 -8.32
N ALA A 153 0.98 7.17 -9.36
CA ALA A 153 1.77 6.07 -9.91
C ALA A 153 2.74 5.53 -8.86
N GLN A 154 3.06 4.22 -8.98
CA GLN A 154 3.86 3.46 -8.01
C GLN A 154 5.03 2.69 -8.63
N GLU A 155 4.98 2.29 -9.92
CA GLU A 155 6.05 1.54 -10.57
C GLU A 155 6.24 2.04 -12.01
N ASN A 156 7.51 2.33 -12.36
CA ASN A 156 7.94 2.57 -13.73
C ASN A 156 9.40 2.12 -13.80
N ASN A 157 9.62 0.80 -14.02
CA ASN A 157 10.93 0.17 -13.84
C ASN A 157 11.07 -1.01 -14.81
N GLY A 158 10.77 -0.77 -16.09
CA GLY A 158 10.85 -1.79 -17.12
C GLY A 158 12.22 -1.78 -17.82
N PRO A 159 12.61 -2.84 -18.56
CA PRO A 159 13.96 -2.92 -19.15
C PRO A 159 14.32 -2.02 -20.34
N ARG A 160 13.32 -1.38 -21.00
CA ARG A 160 13.55 -0.56 -22.18
C ARG A 160 14.27 0.75 -21.79
N TYR A 161 13.63 1.54 -20.90
CA TYR A 161 14.12 2.86 -20.51
C TYR A 161 15.02 2.75 -19.27
N CYS A 162 14.51 2.11 -18.21
CA CYS A 162 15.17 2.06 -16.91
C CYS A 162 16.24 0.96 -16.88
N SER A 171 16.95 8.78 -20.70
CA SER A 171 16.16 9.92 -20.15
C SER A 171 14.74 9.45 -19.84
N MET A 172 14.52 8.97 -18.60
CA MET A 172 13.20 8.55 -18.13
C MET A 172 13.25 8.49 -16.60
N PHE A 173 12.12 8.84 -15.96
CA PHE A 173 12.00 8.94 -14.51
C PHE A 173 11.54 7.58 -13.96
N CYS A 174 12.43 6.88 -13.23
CA CYS A 174 12.27 5.47 -12.89
C CYS A 174 12.06 5.28 -11.38
N PHE A 175 11.16 4.35 -11.02
CA PHE A 175 10.80 4.12 -9.62
C PHE A 175 10.07 2.79 -9.43
N ARG A 176 10.06 2.31 -8.16
CA ARG A 176 9.43 1.04 -7.80
C ARG A 176 8.98 1.06 -6.33
N PRO A 177 7.91 0.32 -5.94
CA PRO A 177 7.48 0.23 -4.54
C PRO A 177 8.31 -0.81 -3.78
N ALA A 178 8.51 -0.60 -2.46
CA ALA A 178 9.25 -1.57 -1.65
C ALA A 178 8.99 -1.33 -0.16
N LYS A 179 9.21 -2.41 0.62
CA LYS A 179 9.48 -2.30 2.06
C LYS A 179 10.98 -2.05 2.20
N ASP A 180 11.38 -1.22 3.18
CA ASP A 180 12.77 -0.85 3.41
C ASP A 180 12.88 -0.26 4.81
N LYS A 181 14.06 -0.38 5.44
CA LYS A 181 14.33 0.13 6.79
C LYS A 181 14.04 1.64 6.89
N LEU A 182 14.38 2.42 5.86
CA LEU A 182 14.09 3.85 5.81
C LEU A 182 12.59 4.16 5.66
N PHE A 183 11.77 3.19 5.19
CA PHE A 183 10.31 3.29 5.10
C PHE A 183 9.57 2.68 6.30
N GLU A 184 10.25 2.26 7.39
CA GLU A 184 9.63 1.48 8.47
C GLU A 184 8.46 2.22 9.16
N ASN A 185 8.58 3.56 9.31
CA ASN A 185 7.56 4.39 9.97
C ASN A 185 6.53 4.99 8.98
N TYR A 186 6.61 4.68 7.67
CA TYR A 186 5.63 5.15 6.69
C TYR A 186 4.44 4.19 6.63
N VAL A 187 3.30 4.73 6.15
CA VAL A 187 2.08 3.96 5.89
C VAL A 187 1.48 4.50 4.60
N TYR A 188 1.35 3.67 3.55
CA TYR A 188 0.74 4.09 2.29
C TYR A 188 -0.77 3.94 2.40
N LEU A 189 -1.52 5.04 2.08
CA LEU A 189 -2.94 5.18 2.35
C LEU A 189 -3.68 5.55 1.06
N SER A 190 -4.62 4.70 0.62
CA SER A 190 -5.54 5.06 -0.45
C SER A 190 -6.65 5.96 0.12
N LYS A 191 -7.46 6.50 -0.79
CA LYS A 191 -8.68 7.24 -0.47
C LYS A 191 -9.75 6.41 0.28
N ASN A 192 -9.76 5.06 0.08
CA ASN A 192 -10.78 4.17 0.68
C ASN A 192 -10.38 3.55 2.03
N VAL A 193 -9.32 4.04 2.73
CA VAL A 193 -8.94 3.44 4.02
C VAL A 193 -10.11 3.57 5.00
N VAL A 194 -10.56 2.41 5.52
CA VAL A 194 -11.77 2.33 6.34
C VAL A 194 -11.44 2.78 7.76
N ASP A 195 -12.43 3.36 8.45
CA ASP A 195 -12.26 3.92 9.79
C ASP A 195 -12.06 2.86 10.88
N ASN A 196 -12.43 1.58 10.60
CA ASN A 196 -12.26 0.45 11.52
C ASN A 196 -11.12 -0.49 11.08
N TRP A 197 -10.03 0.05 10.47
CA TRP A 197 -8.90 -0.78 10.00
C TRP A 197 -8.21 -1.52 11.16
N GLU A 198 -8.16 -0.91 12.35
CA GLU A 198 -7.59 -1.53 13.55
C GLU A 198 -8.23 -2.88 13.87
N GLU A 199 -9.54 -3.02 13.59
CA GLU A 199 -10.31 -4.25 13.81
C GLU A 199 -10.23 -5.20 12.61
N VAL A 200 -10.30 -4.69 11.36
CA VAL A 200 -10.54 -5.51 10.17
C VAL A 200 -9.32 -5.62 9.25
N CYS A 201 -8.15 -4.99 9.56
CA CYS A 201 -6.97 -5.07 8.68
C CYS A 201 -5.76 -5.58 9.45
N PRO A 202 -4.77 -6.28 8.81
CA PRO A 202 -3.54 -6.68 9.50
C PRO A 202 -2.65 -5.48 9.86
N ARG A 203 -1.85 -5.61 10.93
CA ARG A 203 -0.79 -4.65 11.26
C ARG A 203 0.45 -5.42 11.73
N LYS A 204 0.35 -6.06 12.91
CA LYS A 204 1.51 -6.64 13.57
C LYS A 204 1.67 -8.10 13.13
N ASN A 205 2.92 -8.58 13.21
CA ASN A 205 3.27 -9.96 12.94
C ASN A 205 2.93 -10.77 14.19
N LEU A 206 2.46 -12.01 14.01
CA LEU A 206 1.99 -12.87 15.09
C LEU A 206 3.13 -13.82 15.50
N GLU A 207 3.70 -13.61 16.69
CA GLU A 207 4.83 -14.40 17.16
C GLU A 207 4.33 -15.75 17.68
N ASN A 208 5.16 -16.79 17.52
CA ASN A 208 4.88 -18.18 17.90
C ASN A 208 3.63 -18.73 17.20
N ALA A 209 3.41 -18.35 15.93
CA ALA A 209 2.24 -18.79 15.20
C ALA A 209 2.54 -18.84 13.71
N LYS A 210 1.83 -19.78 13.02
CA LYS A 210 1.86 -19.85 11.58
CA LYS A 210 1.86 -19.89 11.57
C LYS A 210 0.42 -20.04 11.09
N PHE A 211 0.14 -19.50 9.90
CA PHE A 211 -1.16 -19.62 9.28
C PHE A 211 -1.42 -21.07 8.86
N GLY A 212 -2.71 -21.48 8.92
CA GLY A 212 -3.18 -22.79 8.48
C GLY A 212 -4.58 -22.69 7.87
N LEU A 213 -5.12 -23.86 7.46
CA LEU A 213 -6.47 -24.01 6.93
C LEU A 213 -7.27 -24.92 7.86
N TRP A 214 -8.46 -24.45 8.29
CA TRP A 214 -9.34 -25.21 9.17
C TRP A 214 -10.04 -26.31 8.37
N VAL A 215 -9.91 -27.58 8.83
CA VAL A 215 -10.46 -28.77 8.15
C VAL A 215 -10.83 -29.80 9.22
N ASP A 216 -12.15 -30.05 9.41
CA ASP A 216 -12.67 -31.22 10.12
C ASP A 216 -12.15 -31.27 11.57
N GLY A 217 -12.37 -30.18 12.33
CA GLY A 217 -11.94 -30.11 13.72
C GLY A 217 -10.46 -29.79 13.94
N ASN A 218 -9.63 -29.61 12.87
CA ASN A 218 -8.18 -29.44 12.99
C ASN A 218 -7.71 -28.24 12.18
N CYS A 219 -6.67 -27.54 12.69
CA CYS A 219 -6.00 -26.48 11.95
C CYS A 219 -4.80 -27.08 11.23
N GLU A 220 -4.99 -27.46 9.95
CA GLU A 220 -3.99 -28.14 9.15
C GLU A 220 -3.01 -27.12 8.56
N ASP A 221 -1.82 -27.61 8.17
CA ASP A 221 -0.82 -26.77 7.52
C ASP A 221 -1.29 -26.39 6.12
N ILE A 222 -0.77 -25.26 5.61
CA ILE A 222 -0.98 -24.86 4.23
C ILE A 222 -0.37 -25.99 3.37
N PRO A 223 -1.11 -26.69 2.49
CA PRO A 223 -0.56 -27.88 1.80
C PRO A 223 0.61 -27.63 0.84
N HIS A 224 0.54 -26.55 0.06
CA HIS A 224 1.61 -26.17 -0.87
C HIS A 224 2.05 -24.73 -0.57
N VAL A 225 3.36 -24.56 -0.29
CA VAL A 225 3.98 -23.25 -0.09
C VAL A 225 5.18 -23.16 -1.04
N ASN A 226 5.56 -21.92 -1.36
CA ASN A 226 6.72 -21.58 -2.15
C ASN A 226 7.80 -21.08 -1.21
N GLU A 227 8.89 -21.86 -1.05
CA GLU A 227 9.89 -21.62 -0.03
C GLU A 227 10.97 -20.69 -0.59
N PHE A 228 11.11 -19.50 0.03
CA PHE A 228 12.16 -18.53 -0.22
C PHE A 228 13.00 -18.41 1.05
N SER A 229 14.33 -18.40 0.91
CA SER A 229 15.23 -18.21 2.05
C SER A 229 15.20 -16.73 2.47
N ALA A 230 15.29 -16.46 3.79
CA ALA A 230 15.30 -15.08 4.30
C ALA A 230 16.03 -15.04 5.65
N ASN A 231 16.90 -14.04 5.84
CA ASN A 231 17.78 -13.97 7.00
C ASN A 231 17.03 -13.57 8.28
N ASP A 232 15.95 -12.77 8.15
CA ASP A 232 15.12 -12.35 9.29
C ASP A 232 13.69 -12.10 8.81
N LEU A 233 12.79 -11.77 9.77
CA LEU A 233 11.40 -11.41 9.53
C LEU A 233 11.26 -10.27 8.52
N PHE A 234 12.13 -9.24 8.62
CA PHE A 234 12.09 -8.08 7.73
C PHE A 234 12.21 -8.52 6.28
N GLU A 235 13.20 -9.36 5.98
CA GLU A 235 13.44 -9.85 4.64
C GLU A 235 12.27 -10.74 4.16
N CYS A 236 11.60 -11.49 5.06
CA CYS A 236 10.45 -12.30 4.68
C CYS A 236 9.23 -11.42 4.32
N ASN A 237 8.96 -10.38 5.13
CA ASN A 237 7.91 -9.40 4.85
C ASN A 237 8.14 -8.69 3.50
N LYS A 238 9.41 -8.31 3.25
CA LYS A 238 9.86 -7.68 2.01
C LYS A 238 9.59 -8.57 0.78
N LEU A 239 9.85 -9.90 0.88
CA LEU A 239 9.58 -10.84 -0.20
C LEU A 239 8.07 -11.03 -0.44
N VAL A 240 7.29 -11.17 0.65
CA VAL A 240 5.84 -11.32 0.54
C VAL A 240 5.24 -10.09 -0.16
N PHE A 241 5.68 -8.87 0.21
CA PHE A 241 5.25 -7.63 -0.44
C PHE A 241 5.57 -7.63 -1.95
N GLU A 242 6.79 -8.05 -2.33
CA GLU A 242 7.19 -8.13 -3.74
C GLU A 242 6.32 -9.11 -4.55
N LEU A 243 5.84 -10.20 -3.92
CA LEU A 243 5.00 -11.20 -4.59
C LEU A 243 3.50 -10.92 -4.45
N SER A 244 3.08 -9.84 -3.75
CA SER A 244 1.69 -9.65 -3.35
C SER A 244 0.85 -9.16 -4.53
N ALA A 245 -0.47 -9.09 -4.30
CA ALA A 245 -1.45 -8.57 -5.26
C ALA A 245 -0.96 -7.26 -5.88
N SER A 246 -1.01 -7.17 -7.23
CA SER A 246 -0.49 -6.02 -7.96
C SER A 246 -1.43 -5.70 -9.11
N ASP A 247 -1.74 -4.40 -9.29
CA ASP A 247 -2.62 -3.90 -10.34
C ASP A 247 -1.83 -3.32 -11.54
N GLN A 248 -0.49 -3.52 -11.61
CA GLN A 248 0.34 -2.96 -12.66
C GLN A 248 0.20 -3.85 -13.91
N PRO A 249 -0.08 -3.32 -15.13
CA PRO A 249 -0.07 -4.14 -16.35
C PRO A 249 1.29 -4.72 -16.74
N LYS A 250 1.26 -5.66 -17.71
CA LYS A 250 2.46 -6.31 -18.22
C LYS A 250 3.26 -5.36 -19.12
N GLN A 251 2.64 -4.91 -20.22
CA GLN A 251 3.28 -4.13 -21.28
C GLN A 251 2.81 -2.68 -21.21
N TYR A 252 3.40 -1.90 -20.29
CA TYR A 252 3.07 -0.50 -20.06
C TYR A 252 4.06 0.48 -20.73
N GLU A 253 5.34 0.10 -20.91
CA GLU A 253 6.37 0.97 -21.48
C GLU A 253 6.09 1.38 -22.94
N GLN A 254 5.47 0.48 -23.74
CA GLN A 254 4.96 0.78 -25.07
C GLN A 254 4.05 2.02 -25.07
N HIS A 255 3.10 2.08 -24.12
CA HIS A 255 2.09 3.12 -24.05
C HIS A 255 2.58 4.43 -23.40
N LEU A 256 3.79 4.45 -22.77
CA LEU A 256 4.37 5.67 -22.25
C LEU A 256 4.66 6.64 -23.41
N THR A 257 4.31 7.94 -23.22
CA THR A 257 4.58 8.99 -24.20
C THR A 257 6.05 9.41 -24.11
N ASP A 258 6.46 10.34 -25.01
CA ASP A 258 7.83 10.86 -25.06
C ASP A 258 8.11 11.67 -23.78
N TYR A 259 9.33 11.55 -23.26
CA TYR A 259 9.72 12.13 -21.98
C TYR A 259 9.87 13.66 -22.04
N GLU A 260 10.08 14.25 -23.24
CA GLU A 260 10.10 15.69 -23.43
C GLU A 260 8.72 16.30 -23.16
N LYS A 261 7.66 15.64 -23.68
CA LYS A 261 6.27 16.03 -23.40
C LYS A 261 5.90 15.86 -21.92
N ILE A 262 6.48 14.83 -21.24
CA ILE A 262 6.25 14.61 -19.80
C ILE A 262 6.92 15.73 -18.99
N LYS A 263 8.19 16.08 -19.32
CA LYS A 263 8.90 17.19 -18.66
C LYS A 263 8.17 18.54 -18.81
N GLU A 264 7.60 18.81 -20.01
CA GLU A 264 6.75 19.97 -20.25
C GLU A 264 5.45 19.91 -19.44
N GLY A 265 4.95 18.68 -19.16
CA GLY A 265 3.89 18.42 -18.19
C GLY A 265 4.13 19.03 -16.80
N PHE A 266 5.39 18.96 -16.30
CA PHE A 266 5.77 19.48 -14.99
C PHE A 266 6.13 20.99 -15.02
N LYS A 267 5.55 21.79 -15.96
CA LYS A 267 5.47 23.25 -15.88
C LYS A 267 4.04 23.64 -15.49
N ASN A 268 3.49 22.97 -14.45
CA ASN A 268 2.08 22.99 -14.08
C ASN A 268 1.20 22.64 -15.30
N ASP A 272 -2.54 17.40 -14.79
CA ASP A 272 -3.27 16.52 -15.76
C ASP A 272 -2.27 15.68 -16.55
N MET A 273 -1.30 16.35 -17.19
CA MET A 273 -0.18 15.68 -17.84
C MET A 273 0.78 15.08 -16.79
N ILE A 274 0.85 15.68 -15.59
CA ILE A 274 1.57 15.13 -14.44
C ILE A 274 0.90 13.82 -13.99
N LYS A 275 -0.42 13.88 -13.74
CA LYS A 275 -1.22 12.75 -13.26
C LYS A 275 -1.36 11.62 -14.30
N SER A 276 -1.23 11.93 -15.62
CA SER A 276 -1.27 10.94 -16.70
C SER A 276 0.13 10.56 -17.22
N ALA A 277 1.20 10.80 -16.43
CA ALA A 277 2.58 10.75 -16.92
C ALA A 277 3.03 9.30 -17.05
N PHE A 278 2.92 8.54 -15.94
CA PHE A 278 3.34 7.14 -15.85
C PHE A 278 2.14 6.20 -15.72
N LEU A 279 0.92 6.64 -16.14
CA LEU A 279 -0.30 5.83 -16.13
C LEU A 279 -1.02 6.08 -17.46
N PRO A 280 -0.51 5.57 -18.63
CA PRO A 280 -1.16 5.79 -19.92
C PRO A 280 -2.43 4.96 -20.10
N THR A 281 -3.39 5.50 -20.89
CA THR A 281 -4.69 4.87 -21.13
C THR A 281 -4.56 3.57 -21.92
N GLY A 282 -3.62 3.52 -22.89
CA GLY A 282 -3.34 2.33 -23.70
C GLY A 282 -2.92 1.09 -22.89
N ALA A 283 -2.15 1.28 -21.80
CA ALA A 283 -1.76 0.21 -20.90
C ALA A 283 -2.98 -0.36 -20.15
N PHE A 284 -3.82 0.53 -19.60
CA PHE A 284 -5.06 0.17 -18.90
C PHE A 284 -6.20 0.04 -19.91
N ARG A 288 -8.98 -5.98 -16.29
CA ARG A 288 -8.02 -6.82 -17.05
C ARG A 288 -6.78 -7.11 -16.20
N TYR A 289 -6.13 -6.03 -15.71
CA TYR A 289 -4.92 -6.11 -14.89
C TYR A 289 -5.19 -5.86 -13.39
N LYS A 290 -6.44 -5.61 -12.96
CA LYS A 290 -6.78 -5.44 -11.55
C LYS A 290 -6.67 -6.79 -10.81
N SER A 291 -5.98 -6.79 -9.67
CA SER A 291 -5.87 -7.96 -8.80
C SER A 291 -7.16 -8.23 -8.02
N HIS A 292 -7.84 -7.15 -7.56
CA HIS A 292 -8.95 -7.22 -6.59
C HIS A 292 -8.51 -7.85 -5.25
N GLY A 293 -7.23 -7.70 -4.87
CA GLY A 293 -6.69 -8.29 -3.64
C GLY A 293 -6.17 -9.74 -3.76
N LYS A 294 -6.33 -10.42 -4.92
CA LYS A 294 -5.85 -11.78 -5.11
C LYS A 294 -4.34 -11.74 -5.33
N GLY A 295 -3.59 -12.61 -4.64
CA GLY A 295 -2.14 -12.73 -4.85
C GLY A 295 -1.46 -13.51 -3.73
N TYR A 296 -0.11 -13.55 -3.80
CA TYR A 296 0.73 -14.16 -2.76
C TYR A 296 0.92 -13.15 -1.63
N ASN A 297 -0.14 -13.00 -0.81
CA ASN A 297 -0.24 -11.93 0.19
C ASN A 297 0.19 -12.37 1.60
N TRP A 298 0.47 -13.67 1.83
CA TRP A 298 0.74 -14.20 3.16
C TRP A 298 2.05 -14.97 3.17
N GLY A 299 2.68 -15.04 4.36
CA GLY A 299 3.93 -15.75 4.55
C GLY A 299 4.06 -16.29 5.97
N ASN A 300 4.49 -17.57 6.11
CA ASN A 300 4.90 -18.15 7.37
C ASN A 300 6.42 -18.13 7.41
N TYR A 301 7.00 -17.37 8.35
CA TYR A 301 8.45 -17.24 8.48
C TYR A 301 8.92 -18.21 9.57
N ASN A 302 9.68 -19.25 9.18
CA ASN A 302 10.39 -20.10 10.13
C ASN A 302 11.72 -19.41 10.47
N ARG A 303 11.86 -18.95 11.73
CA ARG A 303 13.05 -18.21 12.16
CA ARG A 303 13.05 -18.22 12.17
C ARG A 303 14.25 -19.16 12.39
N GLU A 304 13.98 -20.47 12.62
CA GLU A 304 15.04 -21.45 12.88
C GLU A 304 15.66 -21.95 11.57
N THR A 305 14.82 -22.33 10.59
CA THR A 305 15.28 -22.78 9.28
C THR A 305 15.53 -21.60 8.30
N GLN A 306 15.12 -20.35 8.67
CA GLN A 306 15.34 -19.14 7.87
C GLN A 306 14.64 -19.26 6.51
N LYS A 307 13.36 -19.72 6.54
CA LYS A 307 12.55 -19.98 5.36
C LYS A 307 11.28 -19.14 5.46
N CYS A 308 11.00 -18.35 4.40
CA CYS A 308 9.78 -17.58 4.22
C CYS A 308 8.84 -18.39 3.32
N GLU A 309 7.78 -19.00 3.92
CA GLU A 309 6.87 -19.93 3.24
C GLU A 309 5.67 -19.14 2.73
N ILE A 310 5.61 -18.86 1.41
CA ILE A 310 4.73 -17.87 0.80
C ILE A 310 3.61 -18.60 0.03
N PHE A 311 2.37 -18.11 0.16
CA PHE A 311 1.19 -18.76 -0.40
C PHE A 311 0.14 -17.73 -0.82
N ASN A 312 -0.85 -18.17 -1.63
CA ASN A 312 -1.86 -17.31 -2.25
C ASN A 312 -3.31 -17.70 -1.93
N VAL A 313 -3.56 -18.54 -0.91
CA VAL A 313 -4.90 -18.92 -0.46
C VAL A 313 -5.11 -18.29 0.91
N LYS A 314 -6.32 -17.79 1.19
CA LYS A 314 -6.58 -17.12 2.47
C LYS A 314 -6.44 -18.14 3.60
N PRO A 315 -5.76 -17.81 4.74
CA PRO A 315 -5.72 -18.70 5.89
C PRO A 315 -7.00 -18.55 6.71
N THR A 316 -7.46 -19.66 7.32
CA THR A 316 -8.70 -19.71 8.10
C THR A 316 -8.45 -20.14 9.56
N CYS A 317 -7.17 -20.33 10.00
CA CYS A 317 -6.83 -20.50 11.41
C CYS A 317 -5.33 -20.26 11.62
N LEU A 318 -4.91 -20.23 12.90
CA LEU A 318 -3.51 -20.20 13.30
C LEU A 318 -3.16 -21.52 13.95
N ILE A 319 -1.86 -21.88 13.85
CA ILE A 319 -1.25 -23.02 14.48
C ILE A 319 -0.20 -22.46 15.42
N ASN A 320 -0.19 -22.89 16.68
CA ASN A 320 0.83 -22.51 17.65
C ASN A 320 2.12 -23.25 17.30
N ASP A 321 3.21 -22.51 17.07
CA ASP A 321 4.52 -23.08 16.80
C ASP A 321 5.57 -22.01 17.13
N LYS A 322 6.46 -22.30 18.11
CA LYS A 322 7.46 -21.32 18.58
C LYS A 322 8.57 -21.04 17.55
N SER A 323 8.73 -21.90 16.54
CA SER A 323 9.62 -21.64 15.41
C SER A 323 9.12 -20.55 14.45
N TYR A 324 7.80 -20.19 14.46
CA TYR A 324 7.21 -19.41 13.38
C TYR A 324 6.75 -18.00 13.79
N ILE A 325 6.69 -17.11 12.76
CA ILE A 325 6.06 -15.81 12.82
C ILE A 325 5.19 -15.68 11.55
N ALA A 326 3.91 -15.27 11.70
CA ALA A 326 2.96 -15.13 10.60
C ALA A 326 2.89 -13.66 10.15
N THR A 327 3.14 -13.40 8.84
CA THR A 327 3.20 -12.05 8.28
C THR A 327 2.33 -11.97 7.03
N THR A 328 1.95 -10.75 6.64
CA THR A 328 1.26 -10.48 5.38
C THR A 328 1.94 -9.29 4.72
N ALA A 329 1.63 -9.08 3.44
CA ALA A 329 2.12 -7.98 2.63
C ALA A 329 1.69 -6.61 3.18
N LEU A 330 0.49 -6.54 3.81
CA LEU A 330 -0.01 -5.35 4.49
C LEU A 330 0.69 -5.09 5.83
N SER A 331 1.15 -6.16 6.53
CA SER A 331 1.70 -6.06 7.87
C SER A 331 2.98 -5.23 7.92
N HIS A 332 3.24 -4.63 9.10
CA HIS A 332 4.47 -3.90 9.40
C HIS A 332 5.64 -4.88 9.30
N PRO A 333 6.83 -4.51 8.73
CA PRO A 333 7.96 -5.46 8.64
C PRO A 333 8.68 -5.87 9.95
N ILE A 334 8.47 -5.13 11.06
CA ILE A 334 9.19 -5.28 12.33
C ILE A 334 8.25 -5.64 13.49
N GLU A 335 7.15 -4.88 13.68
CA GLU A 335 6.30 -4.95 14.87
C GLU A 335 5.70 -6.35 15.04
N VAL A 336 5.82 -6.92 16.26
CA VAL A 336 5.33 -8.26 16.58
C VAL A 336 4.36 -8.15 17.76
N GLU A 337 3.29 -8.96 17.70
CA GLU A 337 2.31 -9.10 18.77
C GLU A 337 2.78 -10.27 19.63
N HIS A 338 3.16 -10.01 20.90
CA HIS A 338 3.87 -10.96 21.75
C HIS A 338 2.95 -12.06 22.27
N ASN A 339 1.80 -11.67 22.88
CA ASN A 339 0.85 -12.60 23.47
C ASN A 339 0.11 -13.38 22.38
N PHE A 340 -0.42 -14.57 22.76
CA PHE A 340 -1.07 -15.48 21.83
C PHE A 340 -1.88 -16.52 22.61
#